data_6G1N
#
_entry.id   6G1N
#
_cell.length_a   62.580
_cell.length_b   62.580
_cell.length_c   173.490
_cell.angle_alpha   90.00
_cell.angle_beta   90.00
_cell.angle_gamma   90.00
#
_symmetry.space_group_name_H-M   'P 41'
#
loop_
_entity.id
_entity.type
_entity.pdbx_description
1 polymer 'antitoxin HicB'
2 non-polymer 'CHLORIDE ION'
3 non-polymer GLYCEROL
4 water water
#
_entity_poly.entity_id   1
_entity_poly.type   'polypeptide(L)'
_entity_poly.pdbx_seq_one_letter_code
;MMEFPIAVHKDDGSVYGVTVPDIPGVHSWGETIDDAIKNTREAIVGHVETLIELGEDVEFTCSTVEELVAKPEYAGAVWA
LVSVDLSQLDSKPERINVSIPRFVLHKIDAYVASRHETRSGFLARAALEALNEGKKHHHHHH
;
_entity_poly.pdbx_strand_id   A,B,C,D
#
# COMPACT_ATOMS: atom_id res chain seq x y z
N MET A 1 -2.91 -2.80 17.24
CA MET A 1 -3.58 -3.83 18.01
C MET A 1 -2.59 -4.57 18.90
N MET A 2 -2.86 -4.61 20.21
CA MET A 2 -2.03 -5.31 21.18
C MET A 2 -2.63 -6.67 21.48
N GLU A 3 -1.76 -7.67 21.68
CA GLU A 3 -2.16 -9.05 21.89
C GLU A 3 -1.57 -9.54 23.21
N PHE A 4 -2.41 -9.67 24.21
CA PHE A 4 -1.98 -10.17 25.51
C PHE A 4 -2.13 -11.68 25.56
N PRO A 5 -1.04 -12.44 25.73
CA PRO A 5 -1.19 -13.86 26.03
C PRO A 5 -1.83 -14.05 27.40
N ILE A 6 -2.71 -15.03 27.49
CA ILE A 6 -3.35 -15.38 28.75
C ILE A 6 -3.31 -16.89 28.88
N ALA A 7 -3.09 -17.38 30.11
CA ALA A 7 -2.90 -18.81 30.35
C ALA A 7 -4.15 -19.36 31.03
N VAL A 8 -4.82 -20.31 30.37
CA VAL A 8 -6.07 -20.87 30.88
C VAL A 8 -5.80 -22.27 31.42
N HIS A 9 -6.25 -22.52 32.64
CA HIS A 9 -6.20 -23.84 33.26
C HIS A 9 -7.61 -24.26 33.68
N LYS A 10 -7.83 -25.58 33.67
CA LYS A 10 -9.12 -26.16 33.97
C LYS A 10 -8.91 -27.49 34.67
N ASP A 11 -9.66 -27.74 35.74
CA ASP A 11 -9.70 -29.04 36.41
C ASP A 11 -11.11 -29.62 36.36
N ASP A 12 -11.27 -30.81 36.96
CA ASP A 12 -12.52 -31.56 36.82
C ASP A 12 -13.68 -30.84 37.52
N GLY A 13 -13.46 -30.38 38.75
CA GLY A 13 -14.52 -29.74 39.49
C GLY A 13 -14.52 -28.24 39.34
N SER A 14 -13.33 -27.63 39.46
CA SER A 14 -13.24 -26.19 39.40
C SER A 14 -13.51 -25.68 37.99
N VAL A 15 -13.65 -24.36 37.89
CA VAL A 15 -13.96 -23.67 36.65
C VAL A 15 -12.66 -23.38 35.92
N TYR A 16 -12.74 -22.66 34.80
CA TYR A 16 -11.54 -22.19 34.12
C TYR A 16 -10.90 -21.05 34.90
N GLY A 17 -9.62 -21.17 35.21
CA GLY A 17 -8.84 -20.09 35.81
C GLY A 17 -7.86 -19.52 34.80
N VAL A 18 -7.60 -18.21 34.89
CA VAL A 18 -6.76 -17.51 33.93
C VAL A 18 -5.74 -16.65 34.67
N THR A 19 -4.49 -16.70 34.22
CA THR A 19 -3.48 -15.73 34.65
C THR A 19 -3.01 -14.95 33.43
N VAL A 20 -2.46 -13.76 33.69
CA VAL A 20 -2.01 -12.86 32.65
C VAL A 20 -0.53 -12.59 32.87
N PRO A 21 0.35 -13.27 32.10
CA PRO A 21 1.80 -13.15 32.35
C PRO A 21 2.29 -11.72 32.40
N ASP A 22 1.76 -10.84 31.56
CA ASP A 22 2.22 -9.45 31.55
C ASP A 22 1.59 -8.60 32.64
N ILE A 23 0.57 -9.09 33.34
CA ILE A 23 -0.05 -8.34 34.42
C ILE A 23 -0.23 -9.26 35.62
N PRO A 24 0.81 -9.48 36.45
N PRO A 24 0.85 -9.51 36.38
CA PRO A 24 0.83 -10.68 37.31
CA PRO A 24 0.73 -10.18 37.67
C PRO A 24 -0.31 -10.81 38.34
C PRO A 24 -0.19 -9.41 38.59
N GLY A 25 -0.86 -9.70 38.84
N GLY A 25 -0.99 -10.17 39.33
CA GLY A 25 -1.86 -9.79 39.89
CA GLY A 25 -2.09 -9.63 40.07
C GLY A 25 -3.27 -10.08 39.42
C GLY A 25 -3.44 -9.85 39.44
N VAL A 26 -3.51 -10.00 38.11
CA VAL A 26 -4.81 -10.29 37.50
C VAL A 26 -5.05 -11.79 37.54
N HIS A 27 -6.17 -12.18 38.14
CA HIS A 27 -6.64 -13.56 38.12
CA HIS A 27 -6.65 -13.56 38.13
C HIS A 27 -8.13 -13.54 37.79
N SER A 28 -8.51 -14.22 36.71
CA SER A 28 -9.89 -14.24 36.24
C SER A 28 -10.37 -15.68 36.08
N TRP A 29 -11.66 -15.84 35.75
CA TRP A 29 -12.29 -17.16 35.70
C TRP A 29 -13.58 -17.10 34.89
N GLY A 30 -14.07 -18.29 34.52
CA GLY A 30 -15.33 -18.40 33.79
C GLY A 30 -15.85 -19.82 33.86
N GLU A 31 -17.17 -19.95 33.76
CA GLU A 31 -17.79 -21.28 33.70
C GLU A 31 -17.40 -22.03 32.43
N THR A 32 -17.10 -21.29 31.36
CA THR A 32 -16.66 -21.85 30.10
C THR A 32 -15.41 -21.10 29.68
N ILE A 33 -14.65 -21.67 28.75
CA ILE A 33 -13.40 -21.00 28.38
C ILE A 33 -13.70 -19.66 27.70
N ASP A 34 -14.81 -19.57 26.96
CA ASP A 34 -15.17 -18.31 26.31
C ASP A 34 -15.46 -17.23 27.35
N ASP A 35 -16.22 -17.56 28.39
CA ASP A 35 -16.48 -16.60 29.46
C ASP A 35 -15.20 -16.18 30.16
N ALA A 36 -14.27 -17.12 30.36
CA ALA A 36 -13.00 -16.78 31.01
C ALA A 36 -12.18 -15.82 30.15
N ILE A 37 -12.14 -16.06 28.84
CA ILE A 37 -11.44 -15.13 27.95
C ILE A 37 -12.06 -13.74 28.07
N LYS A 38 -13.39 -13.65 27.92
CA LYS A 38 -14.08 -12.36 28.00
CA LYS A 38 -14.06 -12.36 27.99
C LYS A 38 -13.87 -11.69 29.35
N ASN A 39 -13.96 -12.46 30.45
CA ASN A 39 -13.73 -11.86 31.76
C ASN A 39 -12.30 -11.38 31.92
N THR A 40 -11.34 -12.08 31.31
CA THR A 40 -9.94 -11.65 31.42
C THR A 40 -9.71 -10.39 30.59
N ARG A 41 -10.30 -10.33 29.40
CA ARG A 41 -10.25 -9.10 28.60
C ARG A 41 -10.71 -7.90 29.42
N GLU A 42 -11.89 -8.01 30.05
CA GLU A 42 -12.42 -6.92 30.87
C GLU A 42 -11.45 -6.57 32.01
N ALA A 43 -10.84 -7.58 32.61
CA ALA A 43 -9.90 -7.28 33.69
C ALA A 43 -8.67 -6.56 33.15
N ILE A 44 -8.22 -6.93 31.95
CA ILE A 44 -7.04 -6.27 31.39
C ILE A 44 -7.36 -4.84 31.01
N VAL A 45 -8.50 -4.63 30.35
CA VAL A 45 -8.89 -3.29 29.94
C VAL A 45 -9.12 -2.41 31.17
N GLY A 46 -9.83 -2.93 32.18
CA GLY A 46 -10.05 -2.15 33.39
C GLY A 46 -8.75 -1.78 34.09
N HIS A 47 -7.80 -2.71 34.10
CA HIS A 47 -6.48 -2.44 34.67
C HIS A 47 -5.80 -1.26 33.96
N VAL A 48 -5.77 -1.27 32.64
CA VAL A 48 -5.06 -0.24 31.89
C VAL A 48 -5.77 1.09 32.02
N GLU A 49 -7.11 1.08 31.86
CA GLU A 49 -7.87 2.30 32.01
C GLU A 49 -7.72 2.86 33.41
N THR A 50 -7.65 1.99 34.41
CA THR A 50 -7.57 2.46 35.79
C THR A 50 -6.24 3.16 36.04
N LEU A 51 -5.13 2.55 35.61
CA LEU A 51 -3.84 3.21 35.80
C LEU A 51 -3.80 4.56 35.06
N ILE A 52 -4.39 4.64 33.86
CA ILE A 52 -4.44 5.91 33.14
C ILE A 52 -5.22 6.94 33.94
N GLU A 53 -6.40 6.54 34.45
CA GLU A 53 -7.22 7.46 35.22
C GLU A 53 -6.51 7.93 36.49
N LEU A 54 -5.60 7.11 37.02
CA LEU A 54 -4.81 7.48 38.19
C LEU A 54 -3.70 8.48 37.88
N GLY A 55 -3.40 8.72 36.60
CA GLY A 55 -2.31 9.60 36.24
C GLY A 55 -0.99 8.90 36.04
N GLU A 56 -1.01 7.58 35.89
CA GLU A 56 0.22 6.83 35.75
C GLU A 56 0.59 6.60 34.30
N ASP A 57 1.89 6.70 34.01
CA ASP A 57 2.42 6.17 32.75
C ASP A 57 2.15 4.68 32.67
N VAL A 58 1.66 4.23 31.52
CA VAL A 58 1.44 2.81 31.28
C VAL A 58 2.27 2.42 30.06
N GLU A 59 3.15 1.43 30.24
CA GLU A 59 4.06 0.99 29.19
C GLU A 59 3.55 -0.31 28.62
N PHE A 60 3.22 -0.30 27.32
CA PHE A 60 2.52 -1.41 26.67
C PHE A 60 3.54 -2.42 26.15
N THR A 61 3.95 -3.31 27.03
CA THR A 61 4.79 -4.46 26.67
C THR A 61 3.93 -5.73 26.73
N CYS A 62 3.89 -6.46 25.63
CA CYS A 62 3.24 -7.76 25.58
C CYS A 62 4.28 -8.84 25.32
N SER A 63 4.26 -9.88 26.15
CA SER A 63 5.04 -11.07 25.84
C SER A 63 4.40 -11.78 24.64
N THR A 64 5.09 -12.79 24.11
CA THR A 64 4.52 -13.62 23.06
C THR A 64 4.22 -15.01 23.62
N VAL A 65 3.25 -15.71 23.02
CA VAL A 65 3.02 -17.08 23.43
C VAL A 65 4.29 -17.92 23.20
N GLU A 66 4.94 -17.72 22.04
CA GLU A 66 6.14 -18.49 21.71
C GLU A 66 7.17 -18.51 22.84
N GLU A 67 7.40 -17.36 23.42
CA GLU A 67 8.40 -17.23 24.46
C GLU A 67 7.99 -17.70 25.83
N LEU A 68 6.74 -18.01 26.02
CA LEU A 68 6.30 -18.43 27.32
C LEU A 68 5.84 -19.85 27.37
N VAL A 69 5.47 -20.39 26.25
CA VAL A 69 4.89 -21.72 26.20
C VAL A 69 5.67 -22.89 26.77
N ALA A 70 6.99 -22.82 26.77
CA ALA A 70 7.80 -23.91 27.26
C ALA A 70 8.19 -23.76 28.70
N LYS A 71 7.74 -22.70 29.35
CA LYS A 71 8.07 -22.49 30.74
C LYS A 71 7.25 -23.43 31.59
N PRO A 72 7.88 -24.00 32.61
CA PRO A 72 7.24 -24.97 33.49
C PRO A 72 6.03 -24.45 34.21
N GLU A 73 6.02 -23.22 34.68
CA GLU A 73 4.81 -22.79 35.39
C GLU A 73 3.59 -22.71 34.48
N TYR A 74 3.77 -22.77 33.15
CA TYR A 74 2.67 -22.78 32.20
C TYR A 74 2.47 -24.15 31.56
N ALA A 75 2.96 -25.21 32.21
CA ALA A 75 2.76 -26.55 31.68
C ALA A 75 1.29 -26.91 31.72
N GLY A 76 0.77 -27.43 30.60
CA GLY A 76 -0.61 -27.82 30.48
C GLY A 76 -1.60 -26.69 30.27
N ALA A 77 -1.15 -25.44 30.21
CA ALA A 77 -2.05 -24.33 29.96
C ALA A 77 -2.61 -24.39 28.54
N VAL A 78 -3.82 -23.85 28.40
CA VAL A 78 -4.36 -23.49 27.09
C VAL A 78 -4.09 -22.00 26.88
N TRP A 79 -3.36 -21.68 25.83
CA TRP A 79 -3.02 -20.30 25.54
C TRP A 79 -4.08 -19.65 24.67
N ALA A 80 -4.41 -18.40 25.01
CA ALA A 80 -5.22 -17.54 24.14
C ALA A 80 -4.58 -16.16 24.10
N LEU A 81 -5.10 -15.31 23.23
CA LEU A 81 -4.61 -13.96 23.04
C LEU A 81 -5.79 -13.02 23.12
N VAL A 82 -5.73 -12.01 23.98
CA VAL A 82 -6.79 -11.02 24.04
C VAL A 82 -6.32 -9.76 23.32
N SER A 83 -7.11 -9.32 22.34
CA SER A 83 -6.78 -8.17 21.50
C SER A 83 -7.29 -6.89 22.13
N VAL A 84 -6.39 -5.94 22.37
CA VAL A 84 -6.73 -4.64 22.94
C VAL A 84 -6.24 -3.52 22.02
N ASP A 85 -7.15 -2.72 21.51
CA ASP A 85 -6.82 -1.55 20.69
C ASP A 85 -7.05 -0.26 21.48
N LEU A 86 -6.36 0.82 21.07
CA LEU A 86 -6.43 2.03 21.88
C LEU A 86 -7.81 2.68 21.86
N SER A 87 -8.55 2.51 20.75
CA SER A 87 -9.95 2.95 20.75
C SER A 87 -10.72 2.32 21.91
N GLN A 88 -10.37 1.07 22.28
CA GLN A 88 -11.01 0.39 23.39
C GLN A 88 -10.72 1.05 24.74
N LEU A 89 -9.88 2.08 24.78
CA LEU A 89 -9.46 2.69 26.03
C LEU A 89 -10.11 4.04 26.27
N ASP A 90 -9.96 4.99 25.35
CA ASP A 90 -10.50 6.32 25.51
C ASP A 90 -11.78 6.45 24.70
N SER A 91 -12.85 6.86 25.37
CA SER A 91 -14.15 7.05 24.74
C SER A 91 -14.24 8.37 24.00
N LYS A 92 -13.48 9.38 24.41
CA LYS A 92 -13.54 10.73 23.84
C LYS A 92 -12.18 11.18 23.33
N PRO A 93 -11.70 10.61 22.22
CA PRO A 93 -10.47 11.12 21.62
C PRO A 93 -10.62 12.58 21.22
N GLU A 94 -9.49 13.27 21.12
CA GLU A 94 -9.45 14.68 20.77
C GLU A 94 -9.04 14.85 19.31
N ARG A 95 -9.79 15.66 18.57
CA ARG A 95 -9.49 15.90 17.16
CA ARG A 95 -9.50 15.91 17.16
C ARG A 95 -8.59 17.13 17.05
N ILE A 96 -7.44 16.96 16.42
CA ILE A 96 -6.44 18.02 16.31
C ILE A 96 -6.02 18.19 14.86
N ASN A 97 -5.53 19.38 14.56
CA ASN A 97 -5.07 19.76 13.23
CA ASN A 97 -5.07 19.76 13.23
C ASN A 97 -3.54 19.73 13.22
N VAL A 98 -2.98 18.92 12.32
CA VAL A 98 -1.53 18.78 12.22
CA VAL A 98 -1.54 18.69 12.22
C VAL A 98 -1.12 18.74 10.76
N SER A 99 0.15 19.09 10.51
CA SER A 99 0.74 19.07 9.18
C SER A 99 1.75 17.92 9.11
N ILE A 100 1.63 17.09 8.08
CA ILE A 100 2.49 15.92 7.89
C ILE A 100 3.04 15.99 6.46
N PRO A 101 4.34 15.79 6.25
CA PRO A 101 4.86 15.82 4.88
C PRO A 101 4.19 14.76 4.01
N ARG A 102 4.00 15.08 2.73
CA ARG A 102 3.24 14.15 1.89
C ARG A 102 3.93 12.80 1.74
N PHE A 103 5.27 12.76 1.71
CA PHE A 103 5.91 11.46 1.52
C PHE A 103 5.67 10.54 2.71
N VAL A 104 5.45 11.13 3.88
CA VAL A 104 5.10 10.33 5.06
C VAL A 104 3.67 9.84 4.95
N LEU A 105 2.73 10.73 4.60
CA LEU A 105 1.34 10.33 4.44
C LEU A 105 1.17 9.26 3.37
N HIS A 106 1.95 9.33 2.29
CA HIS A 106 1.82 8.30 1.26
C HIS A 106 2.23 6.94 1.80
N LYS A 107 3.28 6.90 2.63
CA LYS A 107 3.66 5.64 3.26
C LYS A 107 2.58 5.16 4.23
N ILE A 108 2.01 6.06 5.04
CA ILE A 108 0.92 5.66 5.94
C ILE A 108 -0.26 5.13 5.14
N ASP A 109 -0.65 5.85 4.08
CA ASP A 109 -1.82 5.46 3.29
C ASP A 109 -1.66 4.08 2.66
N ALA A 110 -0.48 3.79 2.09
CA ALA A 110 -0.27 2.47 1.51
C ALA A 110 -0.37 1.38 2.56
N TYR A 111 0.15 1.64 3.77
CA TYR A 111 0.17 0.65 4.85
C TYR A 111 -1.23 0.39 5.40
N VAL A 112 -1.99 1.44 5.72
CA VAL A 112 -3.28 1.21 6.38
C VAL A 112 -4.33 0.66 5.43
N ALA A 113 -4.13 0.85 4.11
CA ALA A 113 -5.15 0.46 3.14
C ALA A 113 -5.43 -1.03 3.17
N SER A 114 -4.46 -1.85 3.57
CA SER A 114 -4.63 -3.30 3.53
C SER A 114 -4.98 -3.88 4.88
N ARG A 115 -5.31 -3.05 5.86
CA ARG A 115 -5.45 -3.51 7.23
C ARG A 115 -6.68 -2.96 7.93
N HIS A 116 -7.57 -2.26 7.23
CA HIS A 116 -8.70 -1.57 7.85
C HIS A 116 -8.23 -0.65 8.98
N GLU A 117 -7.11 0.05 8.78
CA GLU A 117 -6.65 1.05 9.73
C GLU A 117 -6.82 2.43 9.13
N THR A 118 -6.66 3.46 9.97
CA THR A 118 -6.80 4.83 9.51
C THR A 118 -5.51 5.61 9.78
N ARG A 119 -5.39 6.78 9.14
CA ARG A 119 -4.30 7.69 9.50
C ARG A 119 -4.29 7.97 10.99
N SER A 120 -5.48 8.22 11.58
CA SER A 120 -5.56 8.55 13.01
C SER A 120 -5.08 7.40 13.87
N GLY A 121 -5.59 6.18 13.62
CA GLY A 121 -5.18 5.03 14.41
C GLY A 121 -3.69 4.75 14.27
N PHE A 122 -3.17 4.81 13.04
CA PHE A 122 -1.75 4.60 12.82
C PHE A 122 -0.92 5.61 13.59
N LEU A 123 -1.31 6.89 13.53
CA LEU A 123 -0.52 7.92 14.19
C LEU A 123 -0.58 7.80 15.71
N ALA A 124 -1.75 7.44 16.25
CA ALA A 124 -1.85 7.28 17.71
C ALA A 124 -0.96 6.15 18.20
N ARG A 125 -0.97 5.02 17.48
CA ARG A 125 -0.10 3.91 17.87
C ARG A 125 1.36 4.26 17.67
N ALA A 126 1.69 5.00 16.60
CA ALA A 126 3.06 5.45 16.39
C ALA A 126 3.51 6.39 17.49
N ALA A 127 2.62 7.29 17.90
CA ALA A 127 2.94 8.21 18.98
C ALA A 127 3.24 7.47 20.27
N LEU A 128 2.33 6.60 20.71
CA LEU A 128 2.60 5.73 21.84
C LEU A 128 3.90 4.96 21.67
N GLU A 129 4.14 4.39 20.48
CA GLU A 129 5.29 3.51 20.31
C GLU A 129 6.61 4.27 20.45
N ALA A 130 6.67 5.50 19.92
CA ALA A 130 7.89 6.29 20.05
C ALA A 130 8.16 6.70 21.50
N LEU A 131 7.15 6.67 22.35
CA LEU A 131 7.31 7.13 23.72
C LEU A 131 7.92 6.07 24.63
N ASN A 132 8.23 4.89 24.10
CA ASN A 132 8.85 3.82 24.88
C ASN A 132 10.26 3.52 24.40
N MET B 1 1.74 3.76 -17.26
CA MET B 1 2.76 4.48 -18.01
C MET B 1 3.42 3.57 -19.05
N MET B 2 3.38 3.95 -20.33
CA MET B 2 3.98 3.20 -21.41
C MET B 2 5.37 3.72 -21.72
N GLU B 3 6.28 2.79 -22.04
CA GLU B 3 7.69 3.12 -22.31
C GLU B 3 8.05 2.57 -23.69
N PHE B 4 8.12 3.45 -24.68
CA PHE B 4 8.50 3.07 -26.04
C PHE B 4 10.00 3.12 -26.20
N PRO B 5 10.68 2.00 -26.48
CA PRO B 5 12.09 2.08 -26.82
C PRO B 5 12.25 2.82 -28.14
N ILE B 6 13.26 3.69 -28.20
CA ILE B 6 13.59 4.35 -29.46
C ILE B 6 15.09 4.22 -29.68
N ALA B 7 15.48 4.11 -30.95
CA ALA B 7 16.86 3.86 -31.33
C ALA B 7 17.44 5.11 -31.97
N VAL B 8 18.47 5.68 -31.36
CA VAL B 8 19.06 6.93 -31.84
C VAL B 8 20.39 6.63 -32.50
N HIS B 9 20.54 7.11 -33.73
CA HIS B 9 21.77 7.01 -34.50
C HIS B 9 22.29 8.39 -34.82
N LYS B 10 23.62 8.51 -34.92
CA LYS B 10 24.27 9.80 -35.09
C LYS B 10 25.54 9.61 -35.89
N ASP B 11 25.58 10.21 -37.09
CA ASP B 11 26.79 10.35 -37.87
C ASP B 11 27.12 11.83 -38.02
N ASP B 12 28.40 12.12 -38.29
CA ASP B 12 28.87 13.51 -38.17
C ASP B 12 28.34 14.36 -39.33
N GLY B 13 28.36 13.84 -40.54
CA GLY B 13 27.85 14.57 -41.68
C GLY B 13 26.33 14.70 -41.69
N SER B 14 25.71 14.60 -40.52
CA SER B 14 24.26 14.60 -40.41
C SER B 14 23.88 14.80 -38.94
N VAL B 15 22.58 14.66 -38.64
CA VAL B 15 22.02 14.94 -37.33
C VAL B 15 21.68 13.62 -36.63
N TYR B 16 21.04 13.70 -35.45
CA TYR B 16 20.55 12.51 -34.78
C TYR B 16 19.30 12.00 -35.47
N GLY B 17 19.33 10.77 -35.99
CA GLY B 17 18.14 10.10 -36.50
C GLY B 17 17.58 9.11 -35.49
N VAL B 18 16.26 8.90 -35.54
CA VAL B 18 15.55 8.05 -34.59
C VAL B 18 14.59 7.14 -35.32
N THR B 19 14.55 5.86 -34.95
CA THR B 19 13.48 4.96 -35.35
C THR B 19 12.78 4.40 -34.11
N VAL B 20 11.56 3.94 -34.32
CA VAL B 20 10.68 3.48 -33.25
C VAL B 20 10.29 2.03 -33.56
N PRO B 21 10.95 1.05 -32.91
CA PRO B 21 10.72 -0.35 -33.28
C PRO B 21 9.25 -0.76 -33.24
N ASP B 22 8.48 -0.23 -32.30
CA ASP B 22 7.07 -0.60 -32.22
C ASP B 22 6.20 0.16 -33.19
N ILE B 23 6.73 1.15 -33.91
CA ILE B 23 5.95 1.89 -34.90
C ILE B 23 6.81 2.11 -36.14
N PRO B 24 6.95 1.12 -37.03
N PRO B 24 6.94 1.09 -36.99
CA PRO B 24 8.09 1.12 -37.97
CA PRO B 24 7.51 1.28 -38.32
C PRO B 24 8.20 2.32 -38.91
C PRO B 24 6.74 2.34 -39.09
N GLY B 25 7.08 2.96 -39.29
N GLY B 25 7.49 3.13 -39.85
CA GLY B 25 7.15 4.03 -40.28
CA GLY B 25 6.98 4.31 -40.47
C GLY B 25 7.60 5.37 -39.75
C GLY B 25 7.35 5.59 -39.74
N VAL B 26 7.57 5.54 -38.43
CA VAL B 26 7.99 6.76 -37.75
C VAL B 26 9.51 6.91 -37.86
N HIS B 27 9.93 8.05 -38.40
CA HIS B 27 11.34 8.42 -38.48
CA HIS B 27 11.34 8.41 -38.49
C HIS B 27 11.47 9.87 -38.06
N SER B 28 12.27 10.13 -37.03
CA SER B 28 12.39 11.47 -36.47
C SER B 28 13.87 11.87 -36.36
N TRP B 29 14.12 13.10 -35.92
CA TRP B 29 15.47 13.64 -35.91
C TRP B 29 15.53 14.90 -35.04
N GLY B 30 16.76 15.31 -34.74
CA GLY B 30 17.01 16.50 -33.94
C GLY B 30 18.46 16.92 -34.06
N GLU B 31 18.70 18.22 -33.83
CA GLU B 31 20.08 18.72 -33.82
C GLU B 31 20.87 18.17 -32.65
N THR B 32 20.18 17.88 -31.55
CA THR B 32 20.75 17.32 -30.34
C THR B 32 19.96 16.08 -30.02
N ILE B 33 20.55 15.22 -29.17
CA ILE B 33 19.84 14.00 -28.80
C ILE B 33 18.57 14.35 -28.01
N ASP B 34 18.63 15.40 -27.19
CA ASP B 34 17.42 15.80 -26.48
C ASP B 34 16.32 16.25 -27.44
N ASP B 35 16.67 17.07 -28.44
CA ASP B 35 15.68 17.46 -29.44
C ASP B 35 15.11 16.26 -30.18
N ALA B 36 15.94 15.27 -30.49
CA ALA B 36 15.45 14.09 -31.21
C ALA B 36 14.52 13.26 -30.34
N ILE B 37 14.83 13.15 -29.04
CA ILE B 37 13.91 12.43 -28.16
C ILE B 37 12.56 13.13 -28.12
N LYS B 38 12.57 14.44 -27.84
CA LYS B 38 11.31 15.19 -27.78
CA LYS B 38 11.31 15.18 -27.77
C LYS B 38 10.54 15.12 -29.10
N ASN B 39 11.24 15.20 -30.24
CA ASN B 39 10.56 15.13 -31.52
C ASN B 39 9.95 13.75 -31.75
N THR B 40 10.63 12.70 -31.29
CA THR B 40 10.11 11.35 -31.46
C THR B 40 8.89 11.14 -30.57
N ARG B 41 8.93 11.67 -29.34
CA ARG B 41 7.76 11.62 -28.46
C ARG B 41 6.53 12.24 -29.12
N GLU B 42 6.71 13.41 -29.75
CA GLU B 42 5.60 14.07 -30.44
C GLU B 42 5.08 13.20 -31.60
N ALA B 43 5.98 12.56 -32.33
CA ALA B 43 5.54 11.72 -33.44
C ALA B 43 4.81 10.50 -32.93
N ILE B 44 5.25 9.95 -31.80
CA ILE B 44 4.56 8.78 -31.23
C ILE B 44 3.18 9.18 -30.75
N VAL B 45 3.12 10.27 -29.97
CA VAL B 45 1.86 10.75 -29.46
C VAL B 45 0.91 11.11 -30.61
N GLY B 46 1.42 11.84 -31.61
CA GLY B 46 0.57 12.19 -32.75
C GLY B 46 0.06 10.98 -33.50
N HIS B 47 0.92 9.97 -33.66
CA HIS B 47 0.52 8.72 -34.28
C HIS B 47 -0.64 8.08 -33.54
N VAL B 48 -0.52 7.94 -32.22
CA VAL B 48 -1.54 7.24 -31.46
C VAL B 48 -2.84 8.03 -31.44
N GLU B 49 -2.75 9.34 -31.17
CA GLU B 49 -3.94 10.17 -31.17
C GLU B 49 -4.60 10.18 -32.55
N THR B 50 -3.81 10.10 -33.60
CA THR B 50 -4.39 10.17 -34.93
C THR B 50 -5.18 8.91 -35.24
N LEU B 51 -4.63 7.74 -34.94
CA LEU B 51 -5.39 6.51 -35.15
C LEU B 51 -6.69 6.50 -34.34
N ILE B 52 -6.64 6.90 -33.06
CA ILE B 52 -7.86 7.01 -32.26
C ILE B 52 -8.89 7.90 -32.95
N GLU B 53 -8.46 9.07 -33.40
CA GLU B 53 -9.38 10.00 -34.04
C GLU B 53 -9.91 9.46 -35.38
N LEU B 54 -9.19 8.56 -36.03
CA LEU B 54 -9.70 7.87 -37.20
C LEU B 54 -10.71 6.78 -36.86
N GLY B 55 -10.95 6.49 -35.58
CA GLY B 55 -11.88 5.44 -35.22
C GLY B 55 -11.29 4.06 -35.19
N GLU B 56 -9.97 3.96 -35.14
CA GLU B 56 -9.28 2.69 -35.15
C GLU B 56 -8.98 2.22 -33.73
N ASP B 57 -9.11 0.92 -33.50
CA ASP B 57 -8.57 0.34 -32.28
C ASP B 57 -7.05 0.50 -32.26
N VAL B 58 -6.53 0.83 -31.09
CA VAL B 58 -5.10 0.98 -30.87
C VAL B 58 -4.70 0.02 -29.75
N GLU B 59 -3.73 -0.86 -30.03
CA GLU B 59 -3.29 -1.85 -29.06
C GLU B 59 -1.84 -1.58 -28.71
N PHE B 60 -1.59 -1.28 -27.43
CA PHE B 60 -0.31 -0.78 -26.93
C PHE B 60 0.63 -1.95 -26.70
N THR B 61 1.38 -2.30 -27.74
CA THR B 61 2.41 -3.35 -27.64
C THR B 61 3.77 -2.67 -27.64
N CYS B 62 4.37 -2.56 -26.46
CA CYS B 62 5.71 -2.01 -26.32
C CYS B 62 6.74 -3.12 -26.20
N SER B 63 7.74 -3.10 -27.06
CA SER B 63 8.91 -3.94 -26.87
C SER B 63 9.72 -3.42 -25.67
N THR B 64 10.74 -4.18 -25.27
CA THR B 64 11.68 -3.72 -24.27
C THR B 64 13.04 -3.50 -24.90
N VAL B 65 13.84 -2.62 -24.29
CA VAL B 65 15.21 -2.47 -24.77
C VAL B 65 15.96 -3.79 -24.67
N GLU B 66 15.75 -4.51 -23.56
CA GLU B 66 16.51 -5.74 -23.31
C GLU B 66 16.43 -6.71 -24.47
N GLU B 67 15.24 -6.84 -25.07
CA GLU B 67 15.02 -7.80 -26.16
C GLU B 67 15.40 -7.27 -27.53
N LEU B 68 15.65 -5.97 -27.66
CA LEU B 68 16.02 -5.39 -28.94
C LEU B 68 17.52 -5.12 -29.07
N VAL B 69 18.19 -4.90 -27.94
CA VAL B 69 19.52 -4.29 -27.94
C VAL B 69 20.54 -5.13 -28.72
N ALA B 70 20.35 -6.46 -28.77
CA ALA B 70 21.33 -7.34 -29.38
C ALA B 70 21.05 -7.61 -30.85
N LYS B 71 19.95 -7.11 -31.38
CA LYS B 71 19.62 -7.34 -32.78
C LYS B 71 20.62 -6.59 -33.69
N PRO B 72 21.11 -7.23 -34.74
CA PRO B 72 22.11 -6.58 -35.61
C PRO B 72 21.64 -5.25 -36.17
N GLU B 73 20.33 -5.12 -36.49
CA GLU B 73 19.83 -3.90 -37.08
CA GLU B 73 19.84 -3.89 -37.09
C GLU B 73 19.92 -2.69 -36.15
N TYR B 74 20.17 -2.92 -34.86
CA TYR B 74 20.30 -1.86 -33.86
C TYR B 74 21.71 -1.76 -33.31
N ALA B 75 22.70 -2.27 -34.03
CA ALA B 75 24.09 -2.19 -33.58
C ALA B 75 24.55 -0.74 -33.56
N GLY B 76 25.18 -0.33 -32.45
CA GLY B 76 25.67 1.02 -32.30
C GLY B 76 24.61 2.07 -32.00
N ALA B 77 23.35 1.69 -31.83
CA ALA B 77 22.33 2.65 -31.44
C ALA B 77 22.51 3.10 -29.99
N VAL B 78 22.07 4.33 -29.73
CA VAL B 78 21.84 4.81 -28.37
C VAL B 78 20.35 4.65 -28.08
N TRP B 79 20.03 3.86 -27.06
CA TRP B 79 18.64 3.58 -26.70
C TRP B 79 18.11 4.59 -25.68
N ALA B 80 16.88 5.04 -25.91
CA ALA B 80 16.15 5.85 -24.96
C ALA B 80 14.75 5.27 -24.82
N LEU B 81 14.03 5.69 -23.79
CA LEU B 81 12.65 5.28 -23.58
C LEU B 81 11.79 6.53 -23.55
N VAL B 82 10.73 6.52 -24.36
CA VAL B 82 9.78 7.62 -24.42
C VAL B 82 8.56 7.24 -23.59
N SER B 83 8.25 8.04 -22.58
CA SER B 83 7.16 7.75 -21.66
C SER B 83 5.87 8.38 -22.16
N VAL B 84 4.84 7.54 -22.36
CA VAL B 84 3.50 8.00 -22.71
C VAL B 84 2.50 7.43 -21.71
N ASP B 85 1.66 8.27 -21.13
CA ASP B 85 0.53 7.78 -20.33
C ASP B 85 -0.77 8.31 -20.90
N LEU B 86 -1.88 7.70 -20.47
CA LEU B 86 -3.16 7.93 -21.15
C LEU B 86 -3.64 9.37 -21.03
N SER B 87 -3.33 10.05 -19.92
CA SER B 87 -3.71 11.45 -19.80
C SER B 87 -3.10 12.27 -20.93
N GLN B 88 -1.88 11.93 -21.35
CA GLN B 88 -1.21 12.62 -22.46
C GLN B 88 -1.95 12.47 -23.78
N LEU B 89 -3.04 11.72 -23.84
CA LEU B 89 -3.75 11.54 -25.10
C LEU B 89 -5.04 12.33 -25.10
N ASP B 90 -6.05 11.86 -24.38
CA ASP B 90 -7.36 12.48 -24.44
C ASP B 90 -7.36 13.73 -23.55
N SER B 91 -7.77 14.85 -24.15
CA SER B 91 -7.80 16.13 -23.46
C SER B 91 -9.01 16.27 -22.54
N LYS B 92 -10.11 15.58 -22.86
CA LYS B 92 -11.39 15.75 -22.16
C LYS B 92 -11.92 14.42 -21.68
N PRO B 93 -11.32 13.83 -20.65
CA PRO B 93 -11.86 12.58 -20.10
C PRO B 93 -13.27 12.78 -19.56
N GLU B 94 -14.04 11.70 -19.57
CA GLU B 94 -15.42 11.71 -19.10
C GLU B 94 -15.48 11.24 -17.66
N ARG B 95 -16.32 11.91 -16.86
CA ARG B 95 -16.46 11.63 -15.44
C ARG B 95 -17.70 10.78 -15.25
N ILE B 96 -17.53 9.59 -14.67
CA ILE B 96 -18.62 8.63 -14.56
C ILE B 96 -18.73 8.13 -13.12
N ASN B 97 -19.95 7.75 -12.75
CA ASN B 97 -20.24 7.19 -11.43
CA ASN B 97 -20.20 7.19 -11.44
C ASN B 97 -20.29 5.67 -11.54
N VAL B 98 -19.47 4.98 -10.75
CA VAL B 98 -19.45 3.51 -10.75
C VAL B 98 -19.37 2.99 -9.32
N SER B 99 -19.76 1.73 -9.16
CA SER B 99 -19.71 1.02 -7.89
C SER B 99 -18.62 -0.04 -7.94
N ILE B 100 -17.76 -0.07 -6.92
CA ILE B 100 -16.62 -0.98 -6.87
C ILE B 100 -16.61 -1.63 -5.49
N PRO B 101 -16.50 -2.96 -5.39
CA PRO B 101 -16.42 -3.59 -4.06
C PRO B 101 -15.26 -3.01 -3.25
N ARG B 102 -15.48 -2.84 -1.95
CA ARG B 102 -14.45 -2.22 -1.13
C ARG B 102 -13.16 -3.04 -1.08
N PHE B 103 -13.23 -4.38 -1.13
CA PHE B 103 -11.97 -5.11 -1.08
C PHE B 103 -11.12 -4.84 -2.32
N VAL B 104 -11.76 -4.55 -3.45
CA VAL B 104 -11.01 -4.13 -4.64
C VAL B 104 -10.45 -2.73 -4.47
N LEU B 105 -11.26 -1.79 -3.99
CA LEU B 105 -10.76 -0.43 -3.75
C LEU B 105 -9.59 -0.42 -2.78
N HIS B 106 -9.63 -1.24 -1.73
CA HIS B 106 -8.53 -1.21 -0.77
C HIS B 106 -7.23 -1.66 -1.43
N LYS B 107 -7.32 -2.63 -2.34
CA LYS B 107 -6.13 -3.09 -3.08
C LYS B 107 -5.65 -2.01 -4.04
N ILE B 108 -6.56 -1.32 -4.72
CA ILE B 108 -6.16 -0.19 -5.56
C ILE B 108 -5.47 0.89 -4.73
N ASP B 109 -6.07 1.23 -3.60
CA ASP B 109 -5.56 2.33 -2.79
C ASP B 109 -4.15 2.06 -2.27
N ALA B 110 -3.90 0.84 -1.81
CA ALA B 110 -2.56 0.47 -1.35
C ALA B 110 -1.53 0.61 -2.46
N TYR B 111 -1.89 0.16 -3.66
CA TYR B 111 -0.98 0.16 -4.81
C TYR B 111 -0.66 1.57 -5.28
N VAL B 112 -1.70 2.41 -5.44
CA VAL B 112 -1.46 3.71 -6.06
C VAL B 112 -0.80 4.68 -5.08
N ALA B 113 -0.91 4.42 -3.78
CA ALA B 113 -0.38 5.37 -2.79
C ALA B 113 1.14 5.52 -2.87
N SER B 114 1.86 4.54 -3.40
CA SER B 114 3.32 4.61 -3.45
C SER B 114 3.82 5.03 -4.82
N ARG B 115 2.91 5.44 -5.70
CA ARG B 115 3.28 5.66 -7.10
C ARG B 115 2.75 6.96 -7.68
N HIS B 116 2.16 7.85 -6.87
CA HIS B 116 1.57 9.09 -7.41
C HIS B 116 0.52 8.77 -8.48
N GLU B 117 -0.22 7.70 -8.27
CA GLU B 117 -1.32 7.35 -9.17
C GLU B 117 -2.66 7.53 -8.46
N THR B 118 -3.74 7.52 -9.24
CA THR B 118 -5.08 7.71 -8.72
C THR B 118 -5.94 6.48 -8.99
N ARG B 119 -7.05 6.38 -8.26
CA ARG B 119 -8.07 5.40 -8.61
C ARG B 119 -8.46 5.50 -10.08
N SER B 120 -8.64 6.73 -10.58
CA SER B 120 -9.08 6.89 -11.97
C SER B 120 -8.02 6.44 -12.95
N GLY B 121 -6.77 6.88 -12.73
CA GLY B 121 -5.68 6.45 -13.61
C GLY B 121 -5.51 4.95 -13.61
N PHE B 122 -5.53 4.34 -12.41
CA PHE B 122 -5.38 2.90 -12.31
C PHE B 122 -6.49 2.19 -13.08
N LEU B 123 -7.74 2.64 -12.90
CA LEU B 123 -8.85 1.93 -13.55
C LEU B 123 -8.84 2.10 -15.07
N ALA B 124 -8.44 3.28 -15.56
CA ALA B 124 -8.37 3.46 -17.02
C ALA B 124 -7.29 2.57 -17.62
N ARG B 125 -6.12 2.48 -16.99
CA ARG B 125 -5.07 1.58 -17.49
C ARG B 125 -5.53 0.13 -17.38
N ALA B 126 -6.18 -0.24 -16.27
CA ALA B 126 -6.72 -1.59 -16.13
C ALA B 126 -7.79 -1.87 -17.18
N ALA B 127 -8.63 -0.88 -17.46
CA ALA B 127 -9.67 -1.07 -18.47
C ALA B 127 -9.06 -1.35 -19.84
N LEU B 128 -8.00 -0.65 -20.19
CA LEU B 128 -7.32 -0.88 -21.45
C LEU B 128 -6.58 -2.21 -21.46
N GLU B 129 -5.99 -2.59 -20.32
CA GLU B 129 -5.13 -3.78 -20.26
C GLU B 129 -5.95 -5.04 -20.43
N ALA B 130 -6.79 -5.36 -19.45
CA ALA B 130 -7.76 -6.45 -19.63
C ALA B 130 -8.88 -5.89 -20.52
N LEU B 131 -8.62 -5.95 -21.83
CA LEU B 131 -9.54 -5.54 -22.89
C LEU B 131 -8.86 -5.92 -24.21
N ASN B 132 -8.39 -7.16 -24.29
CA ASN B 132 -7.67 -7.64 -25.46
C ASN B 132 -8.27 -8.99 -25.89
N MET C 1 -22.78 -8.37 17.98
CA MET C 1 -21.40 -8.42 17.51
C MET C 1 -20.93 -9.88 17.42
N MET C 2 -20.33 -10.23 16.29
CA MET C 2 -19.95 -11.62 16.03
C MET C 2 -18.58 -11.94 16.61
N GLU C 3 -18.49 -13.08 17.29
CA GLU C 3 -17.27 -13.51 17.97
C GLU C 3 -16.75 -14.79 17.30
N PHE C 4 -15.82 -14.64 16.37
CA PHE C 4 -15.26 -15.78 15.63
C PHE C 4 -14.09 -16.40 16.39
N PRO C 5 -14.21 -17.64 16.86
CA PRO C 5 -13.03 -18.31 17.39
C PRO C 5 -12.05 -18.58 16.27
N ILE C 6 -10.76 -18.40 16.54
CA ILE C 6 -9.74 -18.81 15.59
C ILE C 6 -8.68 -19.63 16.31
N ALA C 7 -8.13 -20.61 15.59
CA ALA C 7 -7.22 -21.59 16.15
C ALA C 7 -5.90 -21.49 15.42
N VAL C 8 -4.86 -21.10 16.14
CA VAL C 8 -3.51 -20.97 15.60
C VAL C 8 -2.73 -22.23 15.93
N HIS C 9 -2.14 -22.84 14.90
CA HIS C 9 -1.36 -24.06 15.05
CA HIS C 9 -1.35 -24.04 15.07
C HIS C 9 -0.01 -23.88 14.36
N LYS C 10 1.03 -24.50 14.91
CA LYS C 10 2.34 -24.40 14.29
C LYS C 10 2.45 -25.51 13.24
N ASP C 11 2.40 -25.12 11.96
CA ASP C 11 2.39 -26.09 10.87
C ASP C 11 3.79 -26.60 10.58
N ASP C 12 4.65 -25.73 10.06
CA ASP C 12 6.02 -26.11 9.73
C ASP C 12 6.99 -25.31 10.58
N GLY C 13 8.23 -25.16 10.10
CA GLY C 13 9.20 -24.36 10.82
C GLY C 13 9.00 -22.88 10.63
N SER C 14 8.73 -22.17 11.74
CA SER C 14 8.60 -20.71 11.76
C SER C 14 7.41 -20.21 10.94
N VAL C 15 6.36 -21.01 10.84
CA VAL C 15 5.13 -20.60 10.18
C VAL C 15 3.94 -21.11 10.98
N TYR C 16 3.02 -20.21 11.31
CA TYR C 16 1.82 -20.54 12.07
C TYR C 16 0.61 -20.36 11.16
N GLY C 17 -0.11 -21.46 10.91
CA GLY C 17 -1.36 -21.37 10.19
C GLY C 17 -2.54 -21.25 11.12
N VAL C 18 -3.66 -20.76 10.57
CA VAL C 18 -4.86 -20.45 11.35
C VAL C 18 -6.07 -21.12 10.71
N THR C 19 -6.90 -21.76 11.53
CA THR C 19 -8.20 -22.30 11.16
C THR C 19 -9.28 -21.34 11.67
N VAL C 20 -10.26 -21.06 10.82
CA VAL C 20 -11.44 -20.30 11.25
C VAL C 20 -12.61 -21.27 11.18
N PRO C 21 -12.95 -21.96 12.28
CA PRO C 21 -13.99 -23.01 12.20
C PRO C 21 -15.30 -22.57 11.55
N ASP C 22 -15.69 -21.30 11.67
CA ASP C 22 -16.94 -20.87 11.06
C ASP C 22 -16.78 -20.29 9.65
N ILE C 23 -15.55 -20.13 9.15
CA ILE C 23 -15.36 -19.83 7.73
C ILE C 23 -14.32 -20.80 7.18
N PRO C 24 -14.70 -22.04 6.85
CA PRO C 24 -13.69 -23.06 6.52
C PRO C 24 -12.82 -22.71 5.31
N GLY C 25 -13.28 -21.84 4.40
CA GLY C 25 -12.50 -21.48 3.23
C GLY C 25 -11.38 -20.47 3.44
N VAL C 26 -11.28 -19.88 4.62
CA VAL C 26 -10.21 -18.93 4.93
C VAL C 26 -9.02 -19.69 5.47
N HIS C 27 -7.85 -19.51 4.84
CA HIS C 27 -6.61 -20.16 5.27
CA HIS C 27 -6.62 -20.16 5.27
C HIS C 27 -5.53 -19.09 5.39
N SER C 28 -5.46 -18.45 6.55
CA SER C 28 -4.47 -17.40 6.84
CA SER C 28 -4.47 -17.41 6.82
C SER C 28 -3.28 -17.99 7.59
N TRP C 29 -2.17 -17.24 7.58
CA TRP C 29 -0.95 -17.68 8.26
C TRP C 29 -0.10 -16.47 8.63
N GLY C 30 0.94 -16.73 9.43
CA GLY C 30 1.87 -15.66 9.80
C GLY C 30 3.20 -16.22 10.26
N GLU C 31 4.24 -15.37 10.13
CA GLU C 31 5.56 -15.76 10.61
CA GLU C 31 5.56 -15.73 10.61
C GLU C 31 5.60 -15.89 12.13
N THR C 32 4.73 -15.18 12.84
CA THR C 32 4.59 -15.30 14.28
C THR C 32 3.13 -15.56 14.61
N ILE C 33 2.89 -15.95 15.85
CA ILE C 33 1.50 -16.14 16.29
C ILE C 33 0.72 -14.83 16.18
N ASP C 34 1.30 -13.72 16.64
CA ASP C 34 0.59 -12.43 16.58
C ASP C 34 0.29 -12.01 15.15
N ASP C 35 1.27 -12.13 14.26
CA ASP C 35 1.02 -11.80 12.85
C ASP C 35 -0.06 -12.70 12.26
N ALA C 36 -0.09 -13.98 12.66
CA ALA C 36 -1.12 -14.88 12.16
C ALA C 36 -2.51 -14.42 12.56
N ILE C 37 -2.64 -13.98 13.81
CA ILE C 37 -3.94 -13.49 14.27
C ILE C 37 -4.33 -12.22 13.52
N LYS C 38 -3.39 -11.28 13.39
CA LYS C 38 -3.69 -10.03 12.69
CA LYS C 38 -3.66 -10.04 12.67
C LYS C 38 -4.07 -10.31 11.23
N ASN C 39 -3.37 -11.22 10.56
CA ASN C 39 -3.73 -11.56 9.19
C ASN C 39 -5.09 -12.25 9.14
N THR C 40 -5.39 -13.08 10.14
CA THR C 40 -6.67 -13.76 10.15
C THR C 40 -7.80 -12.79 10.41
N ARG C 41 -7.60 -11.86 11.36
CA ARG C 41 -8.60 -10.84 11.59
C ARG C 41 -8.95 -10.10 10.29
N GLU C 42 -7.93 -9.72 9.54
CA GLU C 42 -8.15 -8.97 8.31
C GLU C 42 -8.94 -9.81 7.29
N ALA C 43 -8.62 -11.10 7.15
CA ALA C 43 -9.37 -11.93 6.19
C ALA C 43 -10.81 -12.11 6.61
N ILE C 44 -11.06 -12.24 7.93
CA ILE C 44 -12.42 -12.40 8.42
C ILE C 44 -13.22 -11.12 8.21
N VAL C 45 -12.65 -9.98 8.59
CA VAL C 45 -13.33 -8.69 8.40
C VAL C 45 -13.63 -8.47 6.90
N GLY C 46 -12.64 -8.72 6.04
CA GLY C 46 -12.88 -8.56 4.61
C GLY C 46 -13.96 -9.49 4.11
N HIS C 47 -13.97 -10.73 4.60
CA HIS C 47 -15.00 -11.70 4.21
C HIS C 47 -16.39 -11.20 4.59
N VAL C 48 -16.58 -10.81 5.84
CA VAL C 48 -17.90 -10.41 6.28
C VAL C 48 -18.34 -9.12 5.60
N GLU C 49 -17.44 -8.16 5.51
CA GLU C 49 -17.72 -6.91 4.81
C GLU C 49 -18.13 -7.16 3.36
N THR C 50 -17.42 -8.06 2.68
CA THR C 50 -17.66 -8.24 1.25
C THR C 50 -18.99 -8.95 0.99
N LEU C 51 -19.35 -9.92 1.83
CA LEU C 51 -20.61 -10.61 1.62
C LEU C 51 -21.81 -9.71 1.96
N ILE C 52 -21.70 -8.90 3.01
CA ILE C 52 -22.78 -7.96 3.31
C ILE C 52 -22.94 -6.96 2.18
N GLU C 53 -21.82 -6.50 1.63
CA GLU C 53 -21.85 -5.57 0.51
C GLU C 53 -22.52 -6.17 -0.73
N LEU C 54 -22.53 -7.50 -0.85
CA LEU C 54 -23.23 -8.18 -1.93
C LEU C 54 -24.73 -8.28 -1.67
N GLY C 55 -25.20 -7.78 -0.55
CA GLY C 55 -26.60 -7.88 -0.19
C GLY C 55 -26.96 -9.14 0.56
N GLU C 56 -25.98 -9.93 1.01
CA GLU C 56 -26.24 -11.14 1.77
C GLU C 56 -26.46 -10.84 3.25
N ASP C 57 -27.20 -11.72 3.92
CA ASP C 57 -27.30 -11.73 5.38
CA ASP C 57 -27.29 -11.73 5.38
C ASP C 57 -26.17 -12.64 5.92
N VAL C 58 -25.37 -12.11 6.82
CA VAL C 58 -24.26 -12.89 7.35
C VAL C 58 -24.46 -13.27 8.81
N GLU C 59 -25.40 -12.65 9.51
CA GLU C 59 -25.71 -13.01 10.89
CA GLU C 59 -25.66 -13.03 10.90
C GLU C 59 -26.07 -14.50 10.98
N PHE C 60 -25.16 -15.31 11.52
CA PHE C 60 -25.42 -16.66 11.98
C PHE C 60 -24.72 -16.77 13.33
N THR C 61 -24.81 -17.93 13.95
CA THR C 61 -24.31 -18.13 15.31
C THR C 61 -22.92 -18.74 15.27
N CYS C 62 -21.94 -18.03 15.80
CA CYS C 62 -20.55 -18.47 15.74
C CYS C 62 -20.32 -19.65 16.67
N SER C 63 -19.27 -20.42 16.35
CA SER C 63 -18.87 -21.47 17.27
C SER C 63 -18.32 -20.86 18.55
N THR C 64 -18.26 -21.67 19.59
CA THR C 64 -17.56 -21.27 20.80
C THR C 64 -16.22 -22.01 20.85
N VAL C 65 -15.28 -21.42 21.57
CA VAL C 65 -14.06 -22.14 21.90
C VAL C 65 -14.38 -23.37 22.74
N GLU C 66 -15.36 -23.24 23.64
CA GLU C 66 -15.67 -24.34 24.56
C GLU C 66 -16.03 -25.61 23.81
N GLU C 67 -16.86 -25.49 22.78
CA GLU C 67 -17.27 -26.70 22.07
C GLU C 67 -16.18 -27.25 21.15
N LEU C 68 -15.06 -26.54 21.01
CA LEU C 68 -13.99 -26.99 20.12
C LEU C 68 -12.69 -27.32 20.82
N VAL C 69 -12.48 -26.86 22.06
CA VAL C 69 -11.15 -26.84 22.66
C VAL C 69 -10.59 -28.25 22.83
N ALA C 70 -11.44 -29.23 23.13
CA ALA C 70 -10.97 -30.57 23.46
C ALA C 70 -10.98 -31.52 22.26
N LYS C 71 -11.24 -31.01 21.05
CA LYS C 71 -11.30 -31.88 19.87
C LYS C 71 -9.88 -32.11 19.36
N PRO C 72 -9.47 -33.36 19.09
CA PRO C 72 -8.11 -33.63 18.63
C PRO C 72 -7.56 -32.76 17.51
N GLU C 73 -8.36 -32.34 16.52
CA GLU C 73 -7.76 -31.51 15.47
C GLU C 73 -7.30 -30.15 15.99
N TYR C 74 -7.69 -29.77 17.22
CA TYR C 74 -7.27 -28.51 17.83
C TYR C 74 -6.32 -28.73 19.01
N ALA C 75 -5.77 -29.94 19.14
CA ALA C 75 -4.75 -30.19 20.16
C ALA C 75 -3.59 -29.21 19.98
N GLY C 76 -3.17 -28.59 21.09
CA GLY C 76 -2.07 -27.65 21.06
C GLY C 76 -2.37 -26.30 20.44
N ALA C 77 -3.57 -26.07 19.93
CA ALA C 77 -3.87 -24.79 19.28
C ALA C 77 -3.83 -23.63 20.27
N VAL C 78 -3.44 -22.46 19.77
CA VAL C 78 -3.57 -21.21 20.50
C VAL C 78 -4.83 -20.51 20.02
N TRP C 79 -5.70 -20.09 20.94
CA TRP C 79 -7.02 -19.60 20.58
C TRP C 79 -7.08 -18.07 20.62
N ALA C 80 -7.99 -17.51 19.83
CA ALA C 80 -8.37 -16.10 19.98
C ALA C 80 -9.80 -15.92 19.51
N LEU C 81 -10.42 -14.83 19.94
CA LEU C 81 -11.75 -14.45 19.50
C LEU C 81 -11.63 -13.19 18.66
N VAL C 82 -12.07 -13.25 17.41
CA VAL C 82 -12.10 -12.08 16.52
C VAL C 82 -13.50 -11.49 16.56
N SER C 83 -13.61 -10.24 17.03
CA SER C 83 -14.90 -9.58 17.20
C SER C 83 -15.23 -8.75 15.96
N VAL C 84 -16.35 -9.04 15.30
CA VAL C 84 -16.72 -8.32 14.08
C VAL C 84 -18.03 -7.57 14.32
N ASP C 85 -17.98 -6.24 14.22
CA ASP C 85 -19.16 -5.39 14.36
C ASP C 85 -19.78 -5.17 12.98
N LEU C 86 -21.03 -5.57 12.82
CA LEU C 86 -21.73 -5.41 11.55
C LEU C 86 -22.42 -4.06 11.41
N SER C 87 -22.40 -3.23 12.45
CA SER C 87 -23.22 -2.02 12.47
C SER C 87 -22.88 -1.08 11.32
N GLN C 88 -21.60 -0.88 11.04
CA GLN C 88 -21.18 0.12 10.05
CA GLN C 88 -21.19 0.12 10.06
C GLN C 88 -21.10 -0.44 8.63
N LEU C 89 -21.36 -1.73 8.44
CA LEU C 89 -21.14 -2.33 7.13
C LEU C 89 -22.27 -1.97 6.18
N ASP C 90 -21.89 -1.50 4.98
CA ASP C 90 -22.85 -1.11 3.95
C ASP C 90 -23.24 -2.33 3.14
N SER C 91 -24.51 -2.38 2.71
CA SER C 91 -25.07 -3.53 2.02
C SER C 91 -25.03 -3.37 0.49
N LYS C 92 -24.23 -2.43 0.00
CA LYS C 92 -24.03 -2.20 -1.43
C LYS C 92 -22.58 -1.80 -1.64
N PRO C 93 -22.01 -2.07 -2.82
CA PRO C 93 -20.62 -1.68 -3.06
C PRO C 93 -20.49 -0.16 -2.99
N GLU C 94 -19.25 0.29 -2.79
CA GLU C 94 -18.96 1.70 -2.67
C GLU C 94 -19.12 2.39 -4.03
N ARG C 95 -19.86 3.50 -4.05
CA ARG C 95 -20.05 4.28 -5.27
CA ARG C 95 -20.06 4.30 -5.25
C ARG C 95 -18.98 5.35 -5.37
N ILE C 96 -18.27 5.38 -6.50
CA ILE C 96 -17.19 6.34 -6.68
C ILE C 96 -17.34 7.03 -8.03
N ASN C 97 -16.71 8.19 -8.12
CA ASN C 97 -16.69 8.99 -9.34
CA ASN C 97 -16.69 9.00 -9.32
C ASN C 97 -15.28 8.94 -9.90
N VAL C 98 -15.16 8.56 -11.18
CA VAL C 98 -13.84 8.44 -11.79
C VAL C 98 -13.84 9.10 -13.15
N SER C 99 -12.64 9.46 -13.60
CA SER C 99 -12.43 10.12 -14.87
C SER C 99 -11.78 9.13 -15.83
N ILE C 100 -12.40 8.93 -16.98
CA ILE C 100 -11.98 7.91 -17.95
C ILE C 100 -11.83 8.56 -19.32
N PRO C 101 -10.71 8.37 -20.03
CA PRO C 101 -10.61 8.90 -21.39
C PRO C 101 -11.76 8.37 -22.22
N ARG C 102 -12.30 9.23 -23.09
CA ARG C 102 -13.52 8.83 -23.79
C ARG C 102 -13.27 7.63 -24.72
N PHE C 103 -12.10 7.58 -25.36
CA PHE C 103 -11.87 6.47 -26.28
C PHE C 103 -11.80 5.13 -25.53
N VAL C 104 -11.32 5.11 -24.29
CA VAL C 104 -11.43 3.86 -23.56
C VAL C 104 -12.86 3.66 -23.03
N LEU C 105 -13.54 4.74 -22.64
CA LEU C 105 -14.89 4.55 -22.13
C LEU C 105 -15.82 4.10 -23.24
N HIS C 106 -15.52 4.48 -24.48
CA HIS C 106 -16.18 3.94 -25.65
C HIS C 106 -15.94 2.45 -25.78
N LYS C 107 -14.68 2.02 -25.73
CA LYS C 107 -14.40 0.59 -25.84
C LYS C 107 -14.72 -0.20 -24.57
N ILE C 108 -15.16 0.45 -23.48
CA ILE C 108 -15.78 -0.28 -22.37
C ILE C 108 -17.27 -0.44 -22.67
N ASP C 109 -17.95 0.69 -22.88
CA ASP C 109 -19.40 0.68 -23.06
C ASP C 109 -19.80 -0.18 -24.25
N ALA C 110 -19.04 -0.10 -25.33
CA ALA C 110 -19.33 -0.94 -26.49
C ALA C 110 -19.13 -2.41 -26.17
N TYR C 111 -18.21 -2.72 -25.25
CA TYR C 111 -17.90 -4.10 -24.90
C TYR C 111 -18.85 -4.69 -23.87
N VAL C 112 -19.17 -3.93 -22.81
CA VAL C 112 -20.18 -4.43 -21.87
C VAL C 112 -21.57 -4.46 -22.52
N ALA C 113 -21.74 -3.75 -23.64
CA ALA C 113 -23.06 -3.59 -24.27
C ALA C 113 -23.78 -4.93 -24.44
N SER C 114 -23.12 -5.89 -25.08
CA SER C 114 -23.77 -7.15 -25.42
C SER C 114 -23.26 -8.34 -24.62
N ARG C 115 -22.36 -8.12 -23.65
CA ARG C 115 -22.10 -9.12 -22.63
C ARG C 115 -23.11 -9.06 -21.48
N HIS C 116 -24.01 -8.08 -21.51
CA HIS C 116 -24.96 -7.82 -20.43
C HIS C 116 -24.24 -7.48 -19.13
N GLU C 117 -22.99 -7.03 -19.23
CA GLU C 117 -22.22 -6.58 -18.08
C GLU C 117 -22.53 -5.12 -17.79
N THR C 118 -22.04 -4.66 -16.65
CA THR C 118 -22.12 -3.26 -16.28
C THR C 118 -20.71 -2.68 -16.37
N ARG C 119 -20.63 -1.37 -16.60
CA ARG C 119 -19.35 -0.66 -16.43
C ARG C 119 -18.71 -1.04 -15.09
N SER C 120 -19.52 -1.08 -14.03
CA SER C 120 -19.00 -1.33 -12.68
C SER C 120 -18.37 -2.71 -12.57
N GLY C 121 -19.12 -3.75 -12.90
CA GLY C 121 -18.60 -5.09 -12.82
C GLY C 121 -17.39 -5.31 -13.71
N PHE C 122 -17.36 -4.63 -14.86
CA PHE C 122 -16.24 -4.73 -15.78
C PHE C 122 -14.98 -4.09 -15.17
N LEU C 123 -15.13 -2.86 -14.65
CA LEU C 123 -13.99 -2.17 -14.05
C LEU C 123 -13.49 -2.89 -12.81
N ALA C 124 -14.40 -3.40 -11.99
CA ALA C 124 -14.00 -4.20 -10.82
C ALA C 124 -13.14 -5.38 -11.25
N ARG C 125 -13.62 -6.15 -12.23
CA ARG C 125 -12.88 -7.33 -12.67
CA ARG C 125 -12.87 -7.33 -12.67
C ARG C 125 -11.55 -6.95 -13.31
N ALA C 126 -11.56 -5.93 -14.18
CA ALA C 126 -10.32 -5.48 -14.81
C ALA C 126 -9.31 -5.01 -13.78
N ALA C 127 -9.79 -4.34 -12.72
CA ALA C 127 -8.89 -3.89 -11.65
C ALA C 127 -8.18 -5.08 -11.03
N LEU C 128 -8.91 -6.16 -10.75
CA LEU C 128 -8.34 -7.32 -10.08
C LEU C 128 -7.30 -8.03 -10.96
N GLU C 129 -7.61 -8.21 -12.24
CA GLU C 129 -6.62 -8.80 -13.16
C GLU C 129 -5.37 -7.93 -13.24
N ALA C 130 -5.53 -6.62 -13.35
CA ALA C 130 -4.38 -5.72 -13.38
C ALA C 130 -3.56 -5.81 -12.10
N LEU C 131 -4.23 -5.94 -10.96
CA LEU C 131 -3.52 -6.13 -9.70
C LEU C 131 -2.79 -7.45 -9.66
N ASN C 132 -3.28 -8.46 -10.36
CA ASN C 132 -2.66 -9.78 -10.30
C ASN C 132 -1.23 -9.79 -10.85
N GLU C 133 -0.71 -8.67 -11.34
CA GLU C 133 0.72 -8.55 -11.66
C GLU C 133 1.47 -8.03 -10.43
N GLY C 134 1.65 -8.94 -9.47
CA GLY C 134 2.41 -8.65 -8.26
C GLY C 134 3.88 -8.98 -8.40
N LYS C 135 4.61 -8.12 -9.12
CA LYS C 135 6.05 -8.28 -9.35
C LYS C 135 6.34 -9.60 -10.06
N MET D 1 8.63 23.44 -16.01
CA MET D 1 8.54 22.04 -16.41
C MET D 1 9.94 21.44 -16.57
N MET D 2 10.42 20.78 -15.52
CA MET D 2 11.79 20.29 -15.48
C MET D 2 11.91 18.96 -16.21
N GLU D 3 13.03 18.78 -16.92
CA GLU D 3 13.31 17.58 -17.70
C GLU D 3 14.59 16.95 -17.16
N PHE D 4 14.44 15.97 -16.27
CA PHE D 4 15.60 15.33 -15.64
C PHE D 4 16.09 14.19 -16.52
N PRO D 5 17.29 14.24 -17.06
CA PRO D 5 17.82 13.05 -17.75
C PRO D 5 18.16 11.99 -16.73
N ILE D 6 17.89 10.73 -17.07
CA ILE D 6 18.29 9.62 -16.20
C ILE D 6 18.99 8.58 -17.06
N ALA D 7 19.96 7.89 -16.45
CA ALA D 7 20.82 6.95 -17.14
C ALA D 7 20.68 5.58 -16.49
N VAL D 8 20.18 4.62 -17.25
CA VAL D 8 20.00 3.25 -16.77
C VAL D 8 21.18 2.41 -17.25
N HIS D 9 21.78 1.64 -16.34
CA HIS D 9 22.93 0.81 -16.64
CA HIS D 9 22.90 0.79 -16.68
C HIS D 9 22.74 -0.58 -16.05
N LYS D 10 23.30 -1.58 -16.70
CA LYS D 10 23.27 -2.95 -16.20
C LYS D 10 24.38 -3.12 -15.16
N ASP D 11 24.01 -3.61 -13.98
CA ASP D 11 24.99 -3.85 -12.93
C ASP D 11 25.35 -5.33 -12.85
N ASP D 12 24.42 -6.15 -12.35
CA ASP D 12 24.60 -7.59 -12.27
C ASP D 12 23.62 -8.28 -13.24
N GLY D 13 23.22 -9.50 -12.91
CA GLY D 13 22.20 -10.18 -13.68
C GLY D 13 20.82 -9.79 -13.22
N SER D 14 20.02 -9.25 -14.15
CA SER D 14 18.62 -8.87 -13.90
C SER D 14 18.51 -7.85 -12.77
N VAL D 15 19.42 -6.88 -12.74
CA VAL D 15 19.28 -5.71 -11.88
C VAL D 15 19.86 -4.50 -12.61
N TYR D 16 19.04 -3.48 -12.81
CA TYR D 16 19.41 -2.29 -13.55
C TYR D 16 19.43 -1.10 -12.60
N GLY D 17 20.60 -0.50 -12.41
CA GLY D 17 20.71 0.70 -11.60
C GLY D 17 20.55 1.97 -12.42
N VAL D 18 20.21 3.07 -11.75
CA VAL D 18 19.91 4.33 -12.42
C VAL D 18 20.69 5.46 -11.76
N THR D 19 21.34 6.28 -12.59
CA THR D 19 21.97 7.54 -12.19
C THR D 19 21.04 8.70 -12.54
N VAL D 20 20.87 9.63 -11.62
CA VAL D 20 20.16 10.89 -11.91
C VAL D 20 21.21 12.00 -11.84
N PRO D 21 21.81 12.38 -12.97
CA PRO D 21 22.93 13.36 -12.93
C PRO D 21 22.63 14.62 -12.12
N ASP D 22 21.39 15.10 -12.12
CA ASP D 22 21.08 16.32 -11.39
C ASP D 22 20.59 16.10 -9.97
N ILE D 23 20.44 14.85 -9.51
CA ILE D 23 20.21 14.54 -8.10
C ILE D 23 21.14 13.39 -7.73
N PRO D 24 22.42 13.67 -7.45
CA PRO D 24 23.39 12.59 -7.25
C PRO D 24 23.09 11.67 -6.07
N GLY D 25 22.32 12.15 -5.07
CA GLY D 25 21.98 11.35 -3.90
C GLY D 25 20.87 10.33 -4.10
N VAL D 26 20.22 10.31 -5.25
CA VAL D 26 19.15 9.35 -5.55
C VAL D 26 19.77 8.13 -6.20
N HIS D 27 19.54 6.95 -5.63
CA HIS D 27 20.07 5.68 -6.17
CA HIS D 27 20.06 5.69 -6.17
C HIS D 27 18.92 4.69 -6.31
N SER D 28 18.25 4.71 -7.46
CA SER D 28 17.13 3.82 -7.76
CA SER D 28 17.14 3.80 -7.73
C SER D 28 17.60 2.64 -8.60
N TRP D 29 16.77 1.60 -8.65
CA TRP D 29 17.07 0.42 -9.46
C TRP D 29 15.77 -0.29 -9.80
N GLY D 30 15.89 -1.28 -10.68
CA GLY D 30 14.76 -2.11 -11.07
C GLY D 30 15.23 -3.42 -11.63
N GLU D 31 14.39 -4.46 -11.49
CA GLU D 31 14.69 -5.76 -12.05
C GLU D 31 14.64 -5.77 -13.59
N THR D 32 13.92 -4.83 -14.19
CA THR D 32 13.90 -4.60 -15.63
C THR D 32 14.23 -3.14 -15.88
N ILE D 33 14.53 -2.82 -17.15
CA ILE D 33 14.80 -1.41 -17.48
C ILE D 33 13.54 -0.56 -17.23
N ASP D 34 12.37 -1.04 -17.64
CA ASP D 34 11.15 -0.25 -17.44
C ASP D 34 10.85 -0.04 -15.96
N ASP D 35 11.02 -1.09 -15.14
CA ASP D 35 10.85 -0.93 -13.70
C ASP D 35 11.82 0.11 -13.13
N ALA D 36 13.07 0.10 -13.61
CA ALA D 36 14.05 1.05 -13.10
C ALA D 36 13.66 2.49 -13.39
N ILE D 37 13.13 2.71 -14.60
CA ILE D 37 12.67 4.05 -14.95
C ILE D 37 11.48 4.46 -14.08
N LYS D 38 10.49 3.58 -13.96
CA LYS D 38 9.32 3.91 -13.13
CA LYS D 38 9.33 3.87 -13.12
C LYS D 38 9.75 4.18 -11.69
N ASN D 39 10.71 3.43 -11.16
CA ASN D 39 11.13 3.65 -9.78
C ASN D 39 11.90 4.96 -9.65
N THR D 40 12.70 5.30 -10.67
CA THR D 40 13.44 6.56 -10.62
C THR D 40 12.50 7.74 -10.76
N ARG D 41 11.50 7.63 -11.65
CA ARG D 41 10.55 8.72 -11.74
C ARG D 41 9.92 8.99 -10.38
N GLU D 42 9.53 7.92 -9.67
CA GLU D 42 8.88 8.10 -8.38
C GLU D 42 9.82 8.76 -7.38
N ALA D 43 11.11 8.38 -7.40
CA ALA D 43 12.08 8.98 -6.48
C ALA D 43 12.29 10.46 -6.78
N ILE D 44 12.38 10.80 -8.06
CA ILE D 44 12.59 12.19 -8.46
C ILE D 44 11.38 13.02 -8.10
N VAL D 45 10.19 12.55 -8.44
CA VAL D 45 8.97 13.29 -8.13
C VAL D 45 8.86 13.51 -6.62
N GLY D 46 9.10 12.46 -5.83
CA GLY D 46 9.01 12.61 -4.38
C GLY D 46 10.04 13.58 -3.83
N HIS D 47 11.24 13.56 -4.40
CA HIS D 47 12.31 14.49 -4.01
C HIS D 47 11.89 15.93 -4.28
N VAL D 48 11.43 16.22 -5.49
CA VAL D 48 11.08 17.60 -5.83
C VAL D 48 9.89 18.08 -4.99
N GLU D 49 8.86 17.24 -4.90
CA GLU D 49 7.68 17.56 -4.11
C GLU D 49 8.06 17.83 -2.65
N THR D 50 8.96 17.02 -2.10
CA THR D 50 9.24 17.13 -0.68
C THR D 50 10.07 18.37 -0.37
N LEU D 51 11.00 18.74 -1.25
CA LEU D 51 11.77 19.97 -1.00
C LEU D 51 10.91 21.20 -1.20
N ILE D 52 10.05 21.22 -2.22
CA ILE D 52 9.15 22.37 -2.39
C ILE D 52 8.29 22.51 -1.15
N GLU D 53 7.82 21.39 -0.62
CA GLU D 53 6.95 21.39 0.55
C GLU D 53 7.65 21.93 1.79
N LEU D 54 8.99 21.85 1.85
CA LEU D 54 9.79 22.46 2.90
C LEU D 54 9.95 23.96 2.72
N GLY D 55 9.43 24.54 1.64
CA GLY D 55 9.62 25.94 1.36
C GLY D 55 10.87 26.25 0.56
N GLU D 56 11.55 25.25 0.03
CA GLU D 56 12.72 25.44 -0.80
C GLU D 56 12.34 25.80 -2.23
N ASP D 57 13.23 26.53 -2.91
CA ASP D 57 13.15 26.72 -4.35
CA ASP D 57 13.15 26.72 -4.35
C ASP D 57 13.90 25.58 -5.04
N VAL D 58 13.27 24.95 -6.04
CA VAL D 58 13.96 23.86 -6.70
C VAL D 58 14.22 24.16 -8.17
N GLU D 59 14.04 25.40 -8.60
CA GLU D 59 14.21 25.75 -10.00
CA GLU D 59 14.22 25.77 -10.00
C GLU D 59 15.70 25.96 -10.29
N PHE D 60 16.33 24.93 -10.84
CA PHE D 60 17.65 25.01 -11.46
C PHE D 60 17.50 24.44 -12.85
N THR D 61 18.57 24.53 -13.64
CA THR D 61 18.57 24.00 -14.99
C THR D 61 19.12 22.57 -14.99
N CYS D 62 18.33 21.63 -15.48
CA CYS D 62 18.78 20.24 -15.54
C CYS D 62 19.87 20.08 -16.61
N SER D 63 20.64 19.00 -16.47
CA SER D 63 21.56 18.66 -17.56
C SER D 63 20.77 18.24 -18.79
N THR D 64 21.44 18.25 -19.94
CA THR D 64 20.92 17.64 -21.14
C THR D 64 21.54 16.27 -21.32
N VAL D 65 20.82 15.40 -22.04
CA VAL D 65 21.43 14.15 -22.47
C VAL D 65 22.63 14.43 -23.35
N GLU D 66 22.54 15.50 -24.17
CA GLU D 66 23.60 15.77 -25.13
C GLU D 66 24.94 16.01 -24.46
N GLU D 67 24.96 16.77 -23.38
CA GLU D 67 26.25 17.04 -22.73
C GLU D 67 26.78 15.85 -21.95
N LEU D 68 26.00 14.79 -21.78
CA LEU D 68 26.43 13.65 -21.00
C LEU D 68 26.61 12.38 -21.81
N VAL D 69 26.01 12.27 -22.99
CA VAL D 69 25.90 10.99 -23.68
C VAL D 69 27.28 10.41 -24.00
N ALA D 70 28.27 11.26 -24.25
CA ALA D 70 29.56 10.78 -24.70
C ALA D 70 30.57 10.60 -23.57
N LYS D 71 30.24 11.04 -22.36
CA LYS D 71 31.13 10.84 -21.21
C LYS D 71 31.24 9.34 -20.92
N PRO D 72 32.44 8.87 -20.55
CA PRO D 72 32.65 7.42 -20.45
C PRO D 72 31.94 6.78 -19.26
N GLU D 73 31.62 7.55 -18.22
CA GLU D 73 30.80 7.03 -17.14
C GLU D 73 29.36 6.71 -17.57
N TYR D 74 28.98 6.98 -18.83
CA TYR D 74 27.65 6.66 -19.33
C TYR D 74 27.69 5.78 -20.57
N ALA D 75 28.82 5.13 -20.84
CA ALA D 75 28.90 4.18 -21.93
C ALA D 75 27.86 3.08 -21.74
N GLY D 76 27.13 2.77 -22.81
CA GLY D 76 26.14 1.72 -22.78
C GLY D 76 24.86 2.05 -22.05
N ALA D 77 24.73 3.27 -21.51
CA ALA D 77 23.56 3.61 -20.73
C ALA D 77 22.31 3.72 -21.61
N VAL D 78 21.16 3.39 -21.03
CA VAL D 78 19.88 3.65 -21.67
C VAL D 78 19.29 4.92 -21.05
N TRP D 79 18.91 5.87 -21.89
CA TRP D 79 18.52 7.19 -21.41
C TRP D 79 17.01 7.35 -21.36
N ALA D 80 16.54 8.20 -20.44
CA ALA D 80 15.17 8.69 -20.47
C ALA D 80 15.16 10.11 -19.92
N LEU D 81 14.07 10.82 -20.20
CA LEU D 81 13.84 12.15 -19.63
C LEU D 81 12.61 12.06 -18.73
N VAL D 82 12.77 12.36 -17.43
CA VAL D 82 11.66 12.43 -16.50
C VAL D 82 11.17 13.86 -16.41
N SER D 83 9.93 14.11 -16.83
CA SER D 83 9.36 15.46 -16.82
C SER D 83 8.61 15.73 -15.52
N VAL D 84 9.03 16.76 -14.78
CA VAL D 84 8.40 17.07 -13.50
C VAL D 84 7.73 18.44 -13.60
N ASP D 85 6.42 18.48 -13.36
CA ASP D 85 5.64 19.70 -13.43
C ASP D 85 5.51 20.27 -12.02
N LEU D 86 6.13 21.43 -11.78
CA LEU D 86 6.11 22.02 -10.44
C LEU D 86 4.85 22.84 -10.16
N SER D 87 4.00 23.06 -11.16
CA SER D 87 2.93 24.04 -11.04
C SER D 87 1.91 23.67 -9.96
N GLN D 88 1.67 22.38 -9.71
CA GLN D 88 0.64 21.98 -8.77
CA GLN D 88 0.63 21.95 -8.78
C GLN D 88 1.18 21.61 -7.39
N LEU D 89 2.47 21.77 -7.16
CA LEU D 89 3.07 21.35 -5.89
C LEU D 89 2.93 22.43 -4.83
N ASP D 90 2.52 22.01 -3.63
CA ASP D 90 2.31 22.92 -2.50
C ASP D 90 3.62 23.17 -1.76
N SER D 91 3.79 24.39 -1.26
CA SER D 91 5.03 24.82 -0.62
C SER D 91 4.98 24.67 0.90
N LYS D 92 4.02 23.92 1.42
CA LYS D 92 3.88 23.64 2.84
C LYS D 92 3.35 22.22 2.99
N PRO D 93 3.63 21.55 4.10
CA PRO D 93 3.15 20.18 4.26
C PRO D 93 1.63 20.14 4.34
N GLU D 94 1.08 18.95 4.05
CA GLU D 94 -0.37 18.77 4.04
C GLU D 94 -0.96 18.83 5.45
N ARG D 95 -1.98 19.65 5.64
CA ARG D 95 -2.69 19.79 6.91
CA ARG D 95 -2.65 19.76 6.92
C ARG D 95 -3.81 18.77 6.97
N ILE D 96 -3.86 17.99 8.06
CA ILE D 96 -4.90 16.97 8.22
C ILE D 96 -5.46 17.07 9.64
N ASN D 97 -6.68 16.59 9.79
N ASN D 97 -6.64 16.48 9.82
CA ASN D 97 -7.31 16.41 11.08
CA ASN D 97 -7.34 16.45 11.10
C ASN D 97 -7.16 14.96 11.48
C ASN D 97 -7.41 15.01 11.59
N VAL D 98 -6.76 14.72 12.72
CA VAL D 98 -6.67 13.36 13.24
C VAL D 98 -7.27 13.32 14.63
N SER D 99 -7.68 12.13 15.03
CA SER D 99 -8.27 11.85 16.33
C SER D 99 -7.26 11.08 17.17
N ILE D 100 -6.98 11.58 18.38
CA ILE D 100 -5.91 11.03 19.21
C ILE D 100 -6.47 10.77 20.61
N PRO D 101 -6.23 9.61 21.22
CA PRO D 101 -6.70 9.41 22.60
C PRO D 101 -6.06 10.45 23.52
N ARG D 102 -6.89 11.01 24.40
CA ARG D 102 -6.45 12.12 25.24
C ARG D 102 -5.20 11.77 26.03
N PHE D 103 -5.18 10.60 26.65
CA PHE D 103 -4.00 10.24 27.44
C PHE D 103 -2.76 10.15 26.56
N VAL D 104 -2.93 9.82 25.27
CA VAL D 104 -1.78 9.85 24.36
C VAL D 104 -1.42 11.29 24.00
N LEU D 105 -2.44 12.11 23.70
CA LEU D 105 -2.17 13.50 23.36
C LEU D 105 -1.48 14.21 24.50
N HIS D 106 -1.80 13.85 25.74
CA HIS D 106 -1.16 14.43 26.91
C HIS D 106 0.34 14.14 26.92
N LYS D 107 0.73 12.89 26.69
CA LYS D 107 2.17 12.60 26.75
C LYS D 107 2.89 12.97 25.46
N ILE D 108 2.16 13.26 24.38
CA ILE D 108 2.76 13.99 23.26
C ILE D 108 3.06 15.42 23.69
N ASP D 109 2.01 16.15 24.08
CA ASP D 109 2.12 17.59 24.32
C ASP D 109 3.11 17.89 25.44
N ALA D 110 3.11 17.07 26.49
CA ALA D 110 4.10 17.24 27.54
C ALA D 110 5.50 16.97 27.02
N TYR D 111 5.63 16.05 26.06
CA TYR D 111 6.96 15.70 25.55
C TYR D 111 7.51 16.79 24.64
N VAL D 112 6.70 17.29 23.70
CA VAL D 112 7.20 18.26 22.72
C VAL D 112 7.44 19.62 23.37
N ALA D 113 6.72 19.94 24.45
CA ALA D 113 6.90 21.24 25.10
C ALA D 113 8.31 21.43 25.64
N SER D 114 9.03 20.34 25.91
CA SER D 114 10.33 20.41 26.54
C SER D 114 11.48 20.54 25.53
N ARG D 115 11.42 19.82 24.39
CA ARG D 115 12.40 20.01 23.34
C ARG D 115 11.96 21.03 22.30
N HIS D 116 10.94 21.83 22.60
CA HIS D 116 10.45 22.86 21.68
C HIS D 116 10.06 22.27 20.33
N GLU D 117 9.79 20.97 20.29
CA GLU D 117 9.26 20.34 19.10
C GLU D 117 7.81 20.75 18.90
N THR D 118 7.27 20.35 17.76
CA THR D 118 5.88 20.55 17.41
C THR D 118 5.17 19.20 17.47
N ARG D 119 3.86 19.20 17.75
CA ARG D 119 3.10 17.96 17.57
C ARG D 119 3.33 17.38 16.18
N SER D 120 3.31 18.24 15.16
CA SER D 120 3.41 17.79 13.77
C SER D 120 4.74 17.09 13.51
N GLY D 121 5.85 17.78 13.80
CA GLY D 121 7.16 17.18 13.62
C GLY D 121 7.33 15.93 14.45
N PHE D 122 6.72 15.90 15.64
CA PHE D 122 6.75 14.70 16.46
C PHE D 122 6.02 13.54 15.79
N LEU D 123 4.77 13.77 15.37
CA LEU D 123 3.99 12.71 14.75
C LEU D 123 4.61 12.26 13.42
N ALA D 124 5.13 13.21 12.63
CA ALA D 124 5.81 12.84 11.39
C ALA D 124 6.96 11.88 11.67
N ARG D 125 7.85 12.25 12.59
CA ARG D 125 8.98 11.38 12.93
CA ARG D 125 8.97 11.37 12.91
C ARG D 125 8.49 10.06 13.53
N ALA D 126 7.53 10.14 14.45
CA ALA D 126 6.99 8.92 15.06
C ALA D 126 6.41 7.99 14.00
N ALA D 127 5.75 8.55 12.98
CA ALA D 127 5.19 7.73 11.90
C ALA D 127 6.30 7.03 11.13
N LEU D 128 7.36 7.76 10.80
CA LEU D 128 8.46 7.17 10.04
C LEU D 128 9.15 6.05 10.82
N GLU D 129 9.30 6.22 12.14
CA GLU D 129 9.87 5.13 12.94
C GLU D 129 8.98 3.90 12.90
N ALA D 130 7.68 4.07 13.10
CA ALA D 130 6.76 2.94 13.08
C ALA D 130 6.75 2.24 11.72
N LEU D 131 6.90 2.99 10.63
CA LEU D 131 6.93 2.36 9.31
C LEU D 131 8.22 1.57 9.10
N ASN D 132 9.34 2.07 9.60
CA ASN D 132 10.60 1.37 9.39
C ASN D 132 10.72 0.13 10.28
N GLU D 133 10.18 0.18 11.50
CA GLU D 133 10.30 -0.98 12.37
C GLU D 133 9.52 -2.17 11.83
N GLY D 134 8.42 -1.92 11.11
CA GLY D 134 7.62 -2.99 10.57
C GLY D 134 8.26 -3.69 9.39
N LYS D 135 9.31 -4.47 9.66
CA LYS D 135 10.04 -5.23 8.65
C LYS D 135 10.98 -6.26 9.28
#